data_5K95
#
_entry.id   5K95
#
_cell.length_a   91.876
_cell.length_b   100.557
_cell.length_c   115.041
_cell.angle_alpha   90.00
_cell.angle_beta   90.00
_cell.angle_gamma   90.00
#
_symmetry.space_group_name_H-M   'C 2 2 21'
#
loop_
_entity.id
_entity.type
_entity.pdbx_description
1 polymer 'GTP cyclohydrolase FolE2'
2 non-polymer "8-OXO-GUANOSINE-5'-TRIPHOSPHATE"
3 non-polymer 'ZINC ION'
4 water water
#
_entity_poly.entity_id   1
_entity_poly.type   'polypeptide(L)'
_entity_poly.pdbx_seq_one_letter_code
;MNAIADVQSSRDLRNLPINQVGIKDLRFPITLKTAEGTQSTVARLTMTVYLPAEQKGTHMSRFVALMEQHTEVLDFAQLH
RLTAEMVALLDSRAGKISVSFPFFRKKTAPVSGIRSLLDYDVSLTGEMKDGAYGHSMKVMIPVTSLCP(SNC)SKEISQY
GAHNQRSHVTVSLTSDAEVGIEEVIDYVETQASCQLYGLLKRPDEKYVTEKAYENPKFVEDMVRDVATSLIADKRIKSFV
VESENFESIHNHSAYAYIAYP
;
_entity_poly.pdbx_strand_id   A,B
#
# COMPACT_ATOMS: atom_id res chain seq x y z
N LEU A 13 -5.87 8.04 30.29
CA LEU A 13 -7.09 8.55 29.64
C LEU A 13 -6.74 9.29 28.35
N ARG A 14 -5.90 10.32 28.46
CA ARG A 14 -5.48 11.12 27.29
C ARG A 14 -4.63 10.31 26.32
N ASN A 15 -3.83 9.40 26.87
CA ASN A 15 -2.95 8.52 26.08
C ASN A 15 -3.62 7.18 25.80
N LEU A 16 -3.36 6.64 24.61
CA LEU A 16 -4.05 5.47 24.09
C LEU A 16 -3.07 4.35 23.79
N PRO A 17 -3.60 3.11 23.68
CA PRO A 17 -2.67 2.08 23.25
C PRO A 17 -2.32 2.29 21.76
N ILE A 18 -1.07 2.01 21.41
CA ILE A 18 -0.59 2.08 20.05
C ILE A 18 -0.61 0.68 19.40
N ASN A 19 -1.42 0.52 18.37
CA ASN A 19 -1.58 -0.79 17.78
C ASN A 19 -0.23 -1.45 17.51
N GLN A 20 0.65 -0.69 16.87
CA GLN A 20 1.98 -1.17 16.47
C GLN A 20 2.95 -0.04 16.48
N VAL A 21 4.16 -0.35 16.89
CA VAL A 21 5.25 0.57 16.77
C VAL A 21 6.56 -0.18 16.76
N GLY A 22 7.50 0.35 15.95
CA GLY A 22 8.87 -0.09 15.98
C GLY A 22 9.69 0.50 14.87
N ILE A 23 10.38 -0.34 14.10
CA ILE A 23 11.22 0.13 13.02
C ILE A 23 10.50 -0.24 11.75
N LYS A 24 10.80 0.49 10.67
CA LYS A 24 10.23 0.23 9.34
C LYS A 24 11.30 0.44 8.27
N ASP A 25 11.31 -0.45 7.29
CA ASP A 25 12.17 -0.36 6.14
C ASP A 25 13.64 -0.47 6.49
N LEU A 26 13.93 -1.30 7.47
CA LEU A 26 15.31 -1.69 7.74
C LEU A 26 15.78 -2.68 6.65
N ARG A 27 16.78 -2.31 5.88
CA ARG A 27 17.28 -3.15 4.77
C ARG A 27 18.38 -4.07 5.28
N PHE A 28 18.23 -5.37 5.11
CA PHE A 28 19.04 -6.38 5.82
C PHE A 28 19.21 -7.63 4.97
N PRO A 29 20.43 -8.24 4.97
CA PRO A 29 20.62 -9.43 4.17
C PRO A 29 20.00 -10.64 4.84
N ILE A 30 19.26 -11.44 4.09
CA ILE A 30 18.71 -12.67 4.61
C ILE A 30 19.01 -13.86 3.70
N THR A 31 19.37 -14.99 4.32
CA THR A 31 19.44 -16.27 3.60
C THR A 31 18.13 -17.01 3.83
N LEU A 32 17.46 -17.36 2.74
CA LEU A 32 16.09 -17.80 2.79
C LEU A 32 16.04 -19.27 2.40
N LYS A 33 15.34 -20.10 3.15
CA LYS A 33 15.22 -21.53 2.78
C LYS A 33 13.81 -21.79 2.41
N THR A 34 13.60 -22.13 1.13
CA THR A 34 12.36 -22.69 0.66
C THR A 34 12.59 -24.14 0.23
N ALA A 35 11.52 -24.83 -0.11
CA ALA A 35 11.58 -26.25 -0.38
C ALA A 35 12.23 -26.63 -1.74
N GLU A 36 12.69 -25.63 -2.50
CA GLU A 36 13.48 -25.92 -3.71
C GLU A 36 14.91 -25.40 -3.58
N GLY A 37 15.39 -25.29 -2.34
CA GLY A 37 16.75 -24.86 -2.08
C GLY A 37 16.82 -23.63 -1.18
N THR A 38 18.02 -23.34 -0.70
CA THR A 38 18.33 -22.12 0.04
C THR A 38 18.84 -21.04 -0.92
N GLN A 39 18.48 -19.77 -0.67
CA GLN A 39 19.02 -18.66 -1.47
C GLN A 39 19.20 -17.40 -0.65
N SER A 40 20.25 -16.66 -0.99
CA SER A 40 20.56 -15.42 -0.30
C SER A 40 19.89 -14.21 -0.96
N THR A 41 19.32 -13.33 -0.16
CA THR A 41 18.70 -12.14 -0.75
C THR A 41 18.84 -10.90 0.14
N VAL A 42 18.18 -9.83 -0.26
CA VAL A 42 18.31 -8.58 0.49
C VAL A 42 16.90 -8.20 0.81
N ALA A 43 16.58 -8.11 2.10
CA ALA A 43 15.20 -7.89 2.51
C ALA A 43 15.04 -6.52 3.10
N ARG A 44 13.80 -6.12 3.23
CA ARG A 44 13.44 -4.85 3.80
C ARG A 44 12.50 -5.29 4.95
N LEU A 45 12.84 -4.96 6.21
CA LEU A 45 12.10 -5.43 7.37
C LEU A 45 11.24 -4.35 8.05
N THR A 46 10.00 -4.65 8.38
CA THR A 46 9.23 -3.82 9.33
C THR A 46 8.94 -4.63 10.61
N MET A 47 9.18 -4.05 11.78
CA MET A 47 9.11 -4.82 13.01
C MET A 47 8.55 -3.95 14.12
N THR A 48 7.48 -4.44 14.74
CA THR A 48 6.66 -3.62 15.62
C THR A 48 5.94 -4.47 16.68
N VAL A 49 5.44 -3.79 17.71
CA VAL A 49 4.66 -4.41 18.77
C VAL A 49 3.57 -3.46 19.27
N TYR A 50 2.59 -4.04 19.95
CA TYR A 50 1.59 -3.29 20.66
C TYR A 50 2.27 -2.60 21.80
N LEU A 51 1.91 -1.35 22.02
CA LEU A 51 2.40 -0.60 23.17
C LEU A 51 1.14 -0.15 23.94
N PRO A 52 1.01 -0.56 25.22
CA PRO A 52 -0.18 -0.21 26.03
C PRO A 52 -0.24 1.25 26.47
N ALA A 53 -1.42 1.68 26.91
CA ALA A 53 -1.66 3.10 27.16
C ALA A 53 -0.69 3.67 28.19
N GLU A 54 -0.33 2.87 29.19
CA GLU A 54 0.49 3.35 30.30
C GLU A 54 1.96 3.42 29.96
N GLN A 55 2.38 2.79 28.86
CA GLN A 55 3.79 2.81 28.47
C GLN A 55 4.05 3.90 27.44
N LYS A 56 5.07 4.71 27.71
CA LYS A 56 5.38 5.87 26.88
C LYS A 56 6.11 5.40 25.65
N GLY A 57 7.08 4.52 25.83
CA GLY A 57 7.89 4.12 24.69
C GLY A 57 8.11 2.63 24.56
N THR A 58 8.33 2.19 23.33
CA THR A 58 8.88 0.86 23.08
C THR A 58 10.40 0.94 23.13
N HIS A 59 11.06 -0.16 22.84
CA HIS A 59 12.51 -0.20 22.81
C HIS A 59 12.93 -0.40 21.39
N MET A 60 13.45 0.66 20.77
CA MET A 60 13.77 0.65 19.33
C MET A 60 15.01 -0.14 18.97
N SER A 61 16.06 -0.10 19.81
CA SER A 61 17.29 -0.83 19.49
C SER A 61 17.14 -2.37 19.46
N ARG A 62 16.16 -2.90 20.18
CA ARG A 62 16.06 -4.34 20.35
C ARG A 62 15.62 -5.03 19.08
N PHE A 63 14.90 -4.31 18.23
CA PHE A 63 14.46 -4.85 16.95
C PHE A 63 15.66 -5.11 16.09
N VAL A 64 16.51 -4.09 15.94
CA VAL A 64 17.76 -4.29 15.20
C VAL A 64 18.66 -5.34 15.90
N ALA A 65 18.75 -5.26 17.25
CA ALA A 65 19.50 -6.24 18.10
C ALA A 65 19.19 -7.72 17.81
N LEU A 66 17.92 -7.99 17.64
CA LEU A 66 17.42 -9.31 17.34
C LEU A 66 17.99 -9.78 16.00
N MET A 67 17.84 -8.96 14.97
CA MET A 67 18.25 -9.34 13.62
C MET A 67 19.75 -9.56 13.52
N GLU A 68 20.52 -8.72 14.23
CA GLU A 68 21.97 -8.85 14.22
C GLU A 68 22.42 -10.17 14.83
N GLN A 69 21.75 -10.58 15.92
CA GLN A 69 22.08 -11.82 16.60
C GLN A 69 21.73 -13.03 15.74
N HIS A 70 20.51 -13.06 15.22
CA HIS A 70 19.99 -14.26 14.54
C HIS A 70 20.47 -14.44 13.12
N THR A 71 21.60 -15.12 12.97
CA THR A 71 22.06 -15.56 11.66
C THR A 71 21.69 -17.02 11.44
N GLU A 72 20.38 -17.31 11.48
CA GLU A 72 19.85 -18.62 11.11
C GLU A 72 18.96 -18.48 9.89
N VAL A 73 18.95 -19.50 9.05
CA VAL A 73 18.17 -19.46 7.82
C VAL A 73 16.68 -19.25 8.08
N LEU A 74 16.06 -18.43 7.25
CA LEU A 74 14.67 -18.05 7.42
C LEU A 74 13.74 -18.93 6.62
N ASP A 75 12.98 -19.76 7.33
CA ASP A 75 11.83 -20.47 6.78
C ASP A 75 10.63 -20.28 7.71
N PHE A 76 9.46 -20.73 7.26
CA PHE A 76 8.21 -20.59 8.00
C PHE A 76 8.42 -20.78 9.52
N ALA A 77 9.20 -21.80 9.91
CA ALA A 77 9.44 -22.08 11.33
C ALA A 77 10.26 -20.99 12.00
N GLN A 78 11.34 -20.60 11.32
CA GLN A 78 12.23 -19.55 11.82
C GLN A 78 11.54 -18.18 11.93
N LEU A 79 10.53 -17.92 11.09
CA LEU A 79 9.75 -16.68 11.16
C LEU A 79 8.80 -16.59 12.37
N HIS A 80 8.17 -17.70 12.73
CA HIS A 80 7.47 -17.82 14.02
C HIS A 80 8.47 -17.57 15.12
N ARG A 81 9.58 -18.28 15.02
CA ARG A 81 10.55 -18.26 16.08
C ARG A 81 10.89 -16.81 16.40
N LEU A 82 11.28 -16.02 15.38
CA LEU A 82 11.68 -14.61 15.57
C LEU A 82 10.56 -13.77 16.18
N THR A 83 9.37 -13.90 15.61
CA THR A 83 8.20 -13.13 16.03
C THR A 83 7.82 -13.37 17.50
N ALA A 84 7.86 -14.60 17.96
CA ALA A 84 7.61 -14.85 19.42
C ALA A 84 8.74 -14.29 20.26
N GLU A 85 9.96 -14.47 19.78
CA GLU A 85 11.10 -13.96 20.47
C GLU A 85 11.06 -12.45 20.58
N MET A 86 10.42 -11.82 19.59
CA MET A 86 10.34 -10.38 19.55
C MET A 86 9.46 -9.88 20.68
N VAL A 87 8.22 -10.33 20.71
CA VAL A 87 7.32 -9.89 21.75
C VAL A 87 8.02 -10.12 23.10
N ALA A 88 8.63 -11.29 23.25
CA ALA A 88 9.46 -11.58 24.43
C ALA A 88 10.45 -10.45 24.72
N LEU A 89 11.40 -10.27 23.81
CA LEU A 89 12.48 -9.30 24.01
C LEU A 89 11.99 -7.89 24.40
N LEU A 90 10.89 -7.44 23.80
CA LEU A 90 10.40 -6.08 24.02
C LEU A 90 9.24 -6.00 25.03
N ASP A 91 8.91 -7.11 25.67
CA ASP A 91 7.93 -7.14 26.75
C ASP A 91 6.55 -6.68 26.29
N SER A 92 6.08 -7.27 25.18
CA SER A 92 4.75 -6.91 24.67
C SER A 92 3.90 -8.13 24.40
N ARG A 93 2.59 -7.92 24.45
CA ARG A 93 1.61 -8.97 24.23
C ARG A 93 1.31 -9.25 22.76
N ALA A 94 1.75 -8.36 21.86
CA ALA A 94 1.58 -8.56 20.43
C ALA A 94 2.63 -7.85 19.58
N GLY A 95 2.63 -8.19 18.29
CA GLY A 95 3.54 -7.59 17.33
C GLY A 95 3.60 -8.34 16.02
N LYS A 96 4.27 -7.73 15.04
CA LYS A 96 4.42 -8.28 13.70
C LYS A 96 5.83 -8.06 13.21
N ILE A 97 6.32 -8.98 12.38
CA ILE A 97 7.51 -8.79 11.59
C ILE A 97 7.07 -8.93 10.14
N SER A 98 7.54 -8.06 9.25
CA SER A 98 7.41 -8.31 7.80
C SER A 98 8.75 -8.30 7.13
N VAL A 99 8.87 -9.13 6.09
CA VAL A 99 10.10 -9.31 5.36
C VAL A 99 9.75 -9.28 3.87
N SER A 100 10.18 -8.23 3.17
CA SER A 100 10.02 -8.12 1.71
C SER A 100 11.39 -8.21 1.03
N PHE A 101 11.41 -8.73 -0.19
CA PHE A 101 12.69 -9.05 -0.86
C PHE A 101 12.38 -9.63 -2.21
N PRO A 102 13.37 -9.61 -3.10
CA PRO A 102 13.16 -10.32 -4.33
C PRO A 102 13.51 -11.79 -4.07
N PHE A 103 12.73 -12.68 -4.66
CA PHE A 103 12.95 -14.13 -4.63
C PHE A 103 13.21 -14.68 -6.04
N PHE A 104 14.29 -15.46 -6.18
CA PHE A 104 14.67 -16.02 -7.48
C PHE A 104 14.31 -17.51 -7.63
N ARG A 105 13.84 -17.88 -8.83
CA ARG A 105 13.54 -19.27 -9.15
C ARG A 105 14.27 -19.77 -10.41
N LYS A 106 14.91 -20.94 -10.25
CA LYS A 106 15.60 -21.63 -11.34
C LYS A 106 14.61 -22.43 -12.17
N LYS A 107 14.57 -22.15 -13.46
CA LYS A 107 13.66 -22.82 -14.38
C LYS A 107 14.45 -23.72 -15.31
N THR A 108 14.41 -25.02 -15.08
CA THR A 108 15.25 -25.98 -15.84
C THR A 108 15.00 -25.88 -17.35
N ALA A 109 15.98 -26.29 -18.15
CA ALA A 109 16.02 -26.03 -19.59
C ALA A 109 15.07 -26.91 -20.40
N PRO A 110 14.11 -26.29 -21.13
CA PRO A 110 13.32 -27.05 -22.11
C PRO A 110 14.11 -27.48 -23.38
N VAL A 111 15.27 -26.88 -23.61
CA VAL A 111 16.20 -27.35 -24.65
C VAL A 111 17.46 -27.84 -23.93
N SER A 112 18.59 -27.98 -24.65
CA SER A 112 19.84 -28.45 -24.04
C SER A 112 20.22 -27.60 -22.81
N GLY A 113 20.63 -28.27 -21.72
CA GLY A 113 20.79 -27.68 -20.38
C GLY A 113 21.15 -26.21 -20.27
N ILE A 114 20.27 -25.35 -20.77
CA ILE A 114 20.39 -23.89 -20.66
C ILE A 114 19.17 -23.36 -19.88
N ARG A 115 19.33 -23.24 -18.56
CA ARG A 115 18.22 -22.90 -17.65
C ARG A 115 18.36 -21.48 -17.07
N SER A 116 17.33 -20.65 -17.28
CA SER A 116 17.38 -19.26 -16.84
C SER A 116 16.80 -19.02 -15.44
N LEU A 117 17.02 -17.81 -14.94
CA LEU A 117 16.60 -17.39 -13.59
C LEU A 117 15.53 -16.35 -13.79
N LEU A 118 14.51 -16.35 -12.95
CA LEU A 118 13.52 -15.28 -12.97
C LEU A 118 13.31 -14.80 -11.56
N ASP A 119 13.08 -13.49 -11.44
CA ASP A 119 12.96 -12.81 -10.15
C ASP A 119 11.49 -12.56 -9.83
N TYR A 120 11.13 -12.75 -8.58
CA TYR A 120 9.78 -12.42 -8.07
C TYR A 120 9.91 -11.58 -6.81
N ASP A 121 8.93 -10.73 -6.55
CA ASP A 121 8.89 -9.90 -5.34
C ASP A 121 8.00 -10.50 -4.29
N VAL A 122 8.57 -10.89 -3.17
CA VAL A 122 7.83 -11.60 -2.16
C VAL A 122 7.91 -10.88 -0.84
N SER A 123 6.97 -11.18 0.03
CA SER A 123 6.80 -10.49 1.29
C SER A 123 6.06 -11.41 2.27
N LEU A 124 6.74 -11.76 3.36
CA LEU A 124 6.19 -12.64 4.38
C LEU A 124 5.92 -11.87 5.68
N THR A 125 4.77 -12.04 6.29
CA THR A 125 4.48 -11.43 7.60
C THR A 125 4.32 -12.52 8.65
N GLY A 126 4.63 -12.21 9.89
CA GLY A 126 4.40 -13.10 11.00
C GLY A 126 3.80 -12.25 12.09
N GLU A 127 2.75 -12.74 12.75
CA GLU A 127 2.09 -11.96 13.82
C GLU A 127 1.76 -12.79 15.07
N MET A 128 2.05 -12.21 16.23
CA MET A 128 1.73 -12.76 17.50
C MET A 128 0.65 -11.87 18.14
N LYS A 129 -0.55 -12.44 18.34
CA LYS A 129 -1.60 -11.84 19.20
C LYS A 129 -1.83 -12.69 20.45
N ASP A 130 -1.29 -12.24 21.59
CA ASP A 130 -1.51 -12.84 22.93
C ASP A 130 -0.82 -14.19 23.17
N GLY A 131 -0.13 -14.70 22.15
CA GLY A 131 0.31 -16.08 22.15
C GLY A 131 -0.10 -16.74 20.83
N ALA A 132 -1.17 -16.27 20.20
CA ALA A 132 -1.64 -16.87 18.95
C ALA A 132 -0.79 -16.37 17.78
N TYR A 133 -0.29 -17.31 16.97
CA TYR A 133 0.52 -16.99 15.81
C TYR A 133 -0.35 -17.00 14.59
N GLY A 134 -0.01 -16.14 13.64
CA GLY A 134 -0.75 -15.99 12.40
C GLY A 134 0.28 -15.51 11.40
N HIS A 135 0.16 -15.97 10.16
N HIS A 135 0.16 -16.00 10.17
CA HIS A 135 1.13 -15.60 9.14
CA HIS A 135 1.12 -15.73 9.10
C HIS A 135 0.35 -15.33 7.90
C HIS A 135 0.35 -15.35 7.89
N SER A 136 0.96 -14.56 7.02
CA SER A 136 0.30 -14.20 5.79
C SER A 136 1.42 -14.04 4.82
N MET A 137 1.09 -13.77 3.57
CA MET A 137 2.05 -13.91 2.49
C MET A 137 1.59 -13.09 1.33
N LYS A 138 2.53 -12.56 0.55
CA LYS A 138 2.22 -11.68 -0.57
C LYS A 138 3.26 -12.00 -1.61
N VAL A 139 2.82 -12.17 -2.85
CA VAL A 139 3.73 -12.57 -3.91
C VAL A 139 3.23 -11.93 -5.19
N MET A 140 4.16 -11.25 -5.87
CA MET A 140 3.86 -10.60 -7.11
C MET A 140 4.50 -11.47 -8.18
N ILE A 141 3.70 -11.83 -9.18
CA ILE A 141 4.15 -12.65 -10.29
C ILE A 141 3.98 -11.90 -11.60
N PRO A 142 5.09 -11.68 -12.32
CA PRO A 142 5.01 -11.05 -13.65
C PRO A 142 4.68 -12.07 -14.69
N VAL A 143 3.66 -11.81 -15.53
CA VAL A 143 3.26 -12.73 -16.58
C VAL A 143 3.03 -12.06 -17.94
N THR A 144 3.20 -12.84 -19.01
CA THR A 144 2.88 -12.38 -20.36
C THR A 144 1.45 -12.77 -20.69
N SER A 145 0.52 -11.84 -20.48
CA SER A 145 -0.88 -12.05 -20.86
C SER A 145 -1.11 -11.67 -22.32
N LEU A 146 -2.02 -12.38 -22.97
CA LEU A 146 -2.43 -12.09 -24.35
C LEU A 146 -3.95 -11.89 -24.37
N CYS A 147 -4.45 -11.00 -25.24
CA CYS A 147 -5.88 -10.68 -25.31
C CYS A 147 -6.63 -11.56 -26.31
N PRO A 148 -7.84 -12.05 -25.95
CA PRO A 148 -8.67 -12.87 -26.84
C PRO A 148 -9.75 -12.15 -27.64
N SER A 150 -8.89 -9.13 -28.95
CA SER A 150 -8.02 -8.42 -29.91
C SER A 150 -7.59 -9.34 -31.07
N LYS A 151 -7.63 -10.66 -30.83
CA LYS A 151 -7.50 -11.66 -31.89
C LYS A 151 -8.86 -11.90 -32.58
N GLU A 152 -9.95 -11.48 -31.93
CA GLU A 152 -11.31 -11.69 -32.43
C GLU A 152 -11.71 -10.71 -33.55
N ILE A 153 -11.21 -9.47 -33.48
CA ILE A 153 -11.45 -8.48 -34.54
C ILE A 153 -10.38 -8.56 -35.65
N SER A 154 -9.12 -8.73 -35.25
CA SER A 154 -8.02 -8.88 -36.19
C SER A 154 -8.04 -10.29 -36.75
N GLN A 155 -7.83 -10.43 -38.06
CA GLN A 155 -7.78 -11.75 -38.70
C GLN A 155 -6.52 -12.50 -38.26
N TYR A 156 -5.40 -11.79 -38.18
CA TYR A 156 -4.12 -12.34 -37.74
C TYR A 156 -3.47 -11.44 -36.69
N GLY A 157 -3.07 -12.02 -35.57
CA GLY A 157 -2.34 -11.29 -34.51
C GLY A 157 -3.23 -10.76 -33.41
N ALA A 158 -2.60 -10.39 -32.29
CA ALA A 158 -3.33 -9.94 -31.10
C ALA A 158 -2.52 -9.00 -30.19
N HIS A 159 -3.23 -8.41 -29.23
CA HIS A 159 -2.71 -7.39 -28.32
C HIS A 159 -2.06 -8.06 -27.13
N ASN A 160 -0.73 -8.20 -27.20
CA ASN A 160 0.06 -8.80 -26.12
C ASN A 160 0.73 -7.72 -25.26
N GLN A 161 0.81 -7.97 -23.95
CA GLN A 161 1.45 -7.04 -23.01
C GLN A 161 1.84 -7.74 -21.71
N ARG A 162 2.80 -7.18 -21.00
CA ARG A 162 3.24 -7.72 -19.72
C ARG A 162 2.19 -7.37 -18.65
N SER A 163 1.89 -8.33 -17.79
CA SER A 163 0.93 -8.11 -16.70
C SER A 163 1.47 -8.65 -15.38
N HIS A 164 1.07 -8.02 -14.29
CA HIS A 164 1.53 -8.42 -12.96
C HIS A 164 0.39 -8.98 -12.17
N VAL A 165 0.63 -10.09 -11.48
CA VAL A 165 -0.37 -10.71 -10.64
C VAL A 165 0.14 -10.84 -9.22
N THR A 166 -0.48 -10.10 -8.32
CA THR A 166 -0.19 -10.18 -6.88
C THR A 166 -1.24 -11.05 -6.18
N VAL A 167 -0.78 -11.79 -5.18
CA VAL A 167 -1.58 -12.77 -4.46
C VAL A 167 -1.23 -12.63 -2.98
N SER A 168 -2.15 -12.09 -2.23
CA SER A 168 -1.95 -11.90 -0.81
C SER A 168 -2.84 -12.97 -0.20
N LEU A 169 -2.50 -13.48 0.98
CA LEU A 169 -3.24 -14.61 1.55
C LEU A 169 -2.81 -14.95 2.96
N THR A 170 -3.75 -15.55 3.68
CA THR A 170 -3.54 -15.96 5.07
C THR A 170 -3.78 -17.45 5.17
N SER A 171 -2.93 -18.15 5.91
CA SER A 171 -3.10 -19.58 6.13
C SER A 171 -2.82 -19.96 7.57
N ASP A 172 -3.41 -21.08 8.00
CA ASP A 172 -3.03 -21.78 9.23
C ASP A 172 -1.73 -22.54 9.04
N ALA A 173 -1.57 -23.13 7.86
CA ALA A 173 -0.45 -24.02 7.56
C ALA A 173 0.52 -23.44 6.52
N GLU A 174 1.73 -23.98 6.52
CA GLU A 174 2.76 -23.57 5.59
C GLU A 174 2.33 -23.75 4.14
N VAL A 175 2.64 -22.73 3.34
CA VAL A 175 2.30 -22.66 1.92
C VAL A 175 3.52 -22.04 1.27
N GLY A 176 4.14 -22.76 0.33
CA GLY A 176 5.40 -22.34 -0.26
C GLY A 176 5.26 -21.19 -1.24
N ILE A 177 6.32 -20.37 -1.33
CA ILE A 177 6.28 -19.22 -2.22
C ILE A 177 6.01 -19.76 -3.63
N GLU A 178 6.75 -20.78 -4.01
CA GLU A 178 6.59 -21.45 -5.33
C GLU A 178 5.18 -22.08 -5.60
N GLU A 179 4.56 -22.71 -4.60
CA GLU A 179 3.19 -23.23 -4.75
C GLU A 179 2.27 -22.13 -5.26
N VAL A 180 2.46 -20.92 -4.73
CA VAL A 180 1.66 -19.77 -5.19
C VAL A 180 2.10 -19.29 -6.56
N ILE A 181 3.41 -19.21 -6.79
CA ILE A 181 3.89 -18.84 -8.10
C ILE A 181 3.16 -19.75 -9.08
N ASP A 182 3.36 -21.06 -8.92
CA ASP A 182 2.68 -22.08 -9.76
C ASP A 182 1.18 -21.94 -9.85
N TYR A 183 0.49 -21.77 -8.73
CA TYR A 183 -0.97 -21.54 -8.82
C TYR A 183 -1.28 -20.50 -9.90
N VAL A 184 -0.46 -19.44 -9.97
CA VAL A 184 -0.69 -18.31 -10.90
C VAL A 184 -0.29 -18.61 -12.35
N GLU A 185 0.85 -19.27 -12.53
CA GLU A 185 1.43 -19.47 -13.85
C GLU A 185 0.71 -20.58 -14.61
N THR A 186 0.27 -21.61 -13.89
CA THR A 186 -0.65 -22.60 -14.45
C THR A 186 -1.64 -21.87 -15.35
N GLN A 187 -2.46 -21.00 -14.76
CA GLN A 187 -3.47 -20.23 -15.49
C GLN A 187 -2.85 -19.24 -16.50
N ALA A 188 -1.56 -18.94 -16.37
CA ALA A 188 -0.90 -18.01 -17.30
C ALA A 188 -1.02 -18.44 -18.75
N SER A 189 -1.41 -17.49 -19.58
CA SER A 189 -1.45 -17.64 -21.04
C SER A 189 -0.06 -18.08 -21.51
N CYS A 190 0.95 -17.34 -21.06
CA CYS A 190 2.34 -17.79 -21.06
C CYS A 190 3.11 -16.98 -20.00
N GLN A 191 4.00 -17.65 -19.26
CA GLN A 191 4.80 -17.00 -18.22
C GLN A 191 6.17 -16.56 -18.76
N LEU A 192 6.94 -15.82 -17.95
CA LEU A 192 8.24 -15.30 -18.37
C LEU A 192 9.36 -16.36 -18.31
N TYR A 193 9.93 -16.70 -19.47
CA TYR A 193 11.09 -17.60 -19.58
C TYR A 193 12.36 -16.79 -19.94
N GLY A 194 13.50 -17.47 -20.11
CA GLY A 194 14.75 -16.83 -20.53
C GLY A 194 15.03 -17.01 -22.01
N LEU A 195 15.77 -16.07 -22.60
CA LEU A 195 16.01 -16.07 -24.05
C LEU A 195 16.65 -17.36 -24.53
N LEU A 196 15.87 -18.16 -25.24
CA LEU A 196 16.39 -19.29 -26.01
C LEU A 196 15.95 -19.09 -27.46
N LYS A 197 16.82 -19.45 -28.41
CA LYS A 197 16.57 -19.21 -29.84
C LYS A 197 15.32 -19.95 -30.35
N ARG A 198 15.02 -19.76 -31.65
CA ARG A 198 13.89 -20.38 -32.35
C ARG A 198 13.03 -21.43 -31.59
N PRO A 199 13.64 -22.56 -31.14
CA PRO A 199 12.91 -23.57 -30.34
C PRO A 199 11.88 -23.07 -29.31
N ASP A 200 12.32 -22.30 -28.32
CA ASP A 200 11.43 -21.86 -27.22
C ASP A 200 10.48 -20.72 -27.58
N GLU A 201 10.61 -20.17 -28.79
CA GLU A 201 9.80 -19.04 -29.24
C GLU A 201 8.53 -19.48 -30.00
N LYS A 202 8.57 -20.67 -30.59
CA LYS A 202 7.44 -21.20 -31.38
C LYS A 202 6.20 -21.41 -30.51
N TYR A 203 6.39 -22.10 -29.38
CA TYR A 203 5.28 -22.49 -28.51
C TYR A 203 4.97 -21.49 -27.38
N VAL A 204 5.53 -20.27 -27.49
CA VAL A 204 5.16 -19.16 -26.60
C VAL A 204 3.98 -18.35 -27.19
N THR A 205 3.86 -18.36 -28.52
CA THR A 205 2.73 -17.72 -29.21
C THR A 205 1.46 -18.58 -29.07
N GLU A 206 1.55 -19.84 -29.49
CA GLU A 206 0.38 -20.74 -29.57
C GLU A 206 -0.30 -21.04 -28.22
N LYS A 207 0.47 -20.99 -27.14
CA LYS A 207 -0.06 -21.23 -25.79
C LYS A 207 -0.89 -20.05 -25.28
N ALA A 208 -0.58 -18.84 -25.75
CA ALA A 208 -1.28 -17.61 -25.36
C ALA A 208 -2.21 -17.04 -26.46
N TYR A 209 -2.11 -17.58 -27.67
CA TYR A 209 -2.88 -17.08 -28.82
C TYR A 209 -4.26 -17.75 -28.92
N GLU A 210 -4.32 -19.05 -28.62
CA GLU A 210 -5.58 -19.82 -28.65
C GLU A 210 -6.30 -19.86 -27.29
N ASN A 211 -5.54 -19.72 -26.21
CA ASN A 211 -6.11 -19.46 -24.88
C ASN A 211 -5.58 -18.14 -24.29
N PRO A 212 -6.07 -16.99 -24.80
CA PRO A 212 -5.73 -15.70 -24.21
C PRO A 212 -6.69 -15.32 -23.07
N LYS A 213 -6.25 -14.44 -22.18
CA LYS A 213 -7.04 -14.06 -20.99
C LYS A 213 -7.03 -12.54 -20.72
N PHE A 214 -8.13 -12.07 -20.15
CA PHE A 214 -8.24 -10.69 -19.68
C PHE A 214 -7.85 -10.56 -18.21
N VAL A 215 -7.84 -9.34 -17.72
CA VAL A 215 -7.66 -9.07 -16.30
C VAL A 215 -8.72 -9.78 -15.42
N GLU A 216 -9.98 -9.77 -15.89
CA GLU A 216 -11.08 -10.47 -15.21
C GLU A 216 -10.89 -11.99 -15.20
N ASP A 217 -10.35 -12.54 -16.29
CA ASP A 217 -10.12 -13.98 -16.35
C ASP A 217 -9.05 -14.39 -15.36
N MET A 218 -7.93 -13.69 -15.42
CA MET A 218 -6.77 -14.07 -14.63
C MET A 218 -7.09 -14.13 -13.12
N VAL A 219 -7.87 -13.18 -12.62
CA VAL A 219 -8.25 -13.17 -11.21
C VAL A 219 -9.18 -14.34 -10.86
N ARG A 220 -10.15 -14.63 -11.75
CA ARG A 220 -11.05 -15.75 -11.53
C ARG A 220 -10.32 -17.10 -11.47
N ASP A 221 -9.47 -17.35 -12.43
CA ASP A 221 -8.77 -18.60 -12.48
C ASP A 221 -7.95 -18.78 -11.18
N VAL A 222 -7.04 -17.85 -10.91
CA VAL A 222 -6.24 -17.93 -9.68
C VAL A 222 -7.12 -18.06 -8.41
N ALA A 223 -8.20 -17.29 -8.32
CA ALA A 223 -9.11 -17.39 -7.15
C ALA A 223 -9.66 -18.79 -6.96
N THR A 224 -10.19 -19.35 -8.05
CA THR A 224 -10.65 -20.74 -8.06
C THR A 224 -9.61 -21.65 -7.38
N SER A 225 -8.34 -21.56 -7.78
CA SER A 225 -7.36 -22.38 -7.12
C SER A 225 -7.34 -22.11 -5.63
N LEU A 226 -7.36 -20.83 -5.29
CA LEU A 226 -7.17 -20.46 -3.90
C LEU A 226 -8.35 -20.86 -3.03
N ILE A 227 -9.57 -20.85 -3.59
CA ILE A 227 -10.73 -21.37 -2.83
C ILE A 227 -10.53 -22.85 -2.46
N ALA A 228 -10.05 -23.64 -3.42
CA ALA A 228 -9.79 -25.08 -3.28
C ALA A 228 -8.91 -25.46 -2.09
N ASP A 229 -7.86 -24.68 -1.90
CA ASP A 229 -6.80 -25.01 -0.95
C ASP A 229 -7.22 -24.66 0.45
N LYS A 230 -7.51 -25.70 1.22
CA LYS A 230 -8.15 -25.55 2.52
C LYS A 230 -7.30 -24.81 3.55
N ARG A 231 -5.99 -24.77 3.30
CA ARG A 231 -5.06 -23.96 4.10
C ARG A 231 -5.32 -22.47 4.00
N ILE A 232 -5.81 -22.01 2.86
CA ILE A 232 -5.97 -20.59 2.64
C ILE A 232 -7.29 -20.09 3.27
N LYS A 233 -7.21 -19.56 4.48
CA LYS A 233 -8.39 -19.03 5.16
C LYS A 233 -8.91 -17.73 4.54
N SER A 234 -8.07 -17.08 3.74
CA SER A 234 -8.45 -15.84 3.03
C SER A 234 -7.36 -15.38 2.08
N PHE A 235 -7.76 -14.64 1.06
CA PHE A 235 -6.80 -14.05 0.15
C PHE A 235 -7.32 -12.77 -0.50
N VAL A 236 -6.44 -12.14 -1.28
CA VAL A 236 -6.81 -11.11 -2.25
C VAL A 236 -6.04 -11.51 -3.51
N VAL A 237 -6.61 -11.35 -4.69
CA VAL A 237 -5.86 -11.57 -5.93
C VAL A 237 -5.99 -10.32 -6.79
N GLU A 238 -4.87 -9.73 -7.14
CA GLU A 238 -4.91 -8.55 -8.01
C GLU A 238 -4.25 -8.93 -9.31
N SER A 239 -4.84 -8.50 -10.43
CA SER A 239 -4.12 -8.50 -11.72
C SER A 239 -4.06 -7.11 -12.36
N GLU A 240 -2.88 -6.76 -12.86
CA GLU A 240 -2.68 -5.48 -13.51
C GLU A 240 -2.13 -5.72 -14.91
N ASN A 241 -2.87 -5.25 -15.89
CA ASN A 241 -2.53 -5.51 -17.27
C ASN A 241 -2.17 -4.19 -17.92
N PHE A 242 -0.87 -3.90 -17.91
CA PHE A 242 -0.39 -2.63 -18.41
C PHE A 242 -0.65 -2.53 -19.91
N GLU A 243 -1.80 -1.91 -20.23
CA GLU A 243 -2.14 -1.57 -21.62
C GLU A 243 -0.94 -0.89 -22.28
N SER A 244 -0.44 -1.50 -23.34
CA SER A 244 0.57 -0.86 -24.18
C SER A 244 -0.07 0.30 -24.95
N ILE A 245 -1.38 0.20 -25.16
CA ILE A 245 -2.15 1.20 -25.92
C ILE A 245 -2.41 2.50 -25.11
N HIS A 246 -2.37 2.45 -23.78
CA HIS A 246 -2.45 3.68 -22.94
C HIS A 246 -1.46 3.61 -21.80
N ASN A 247 -1.02 4.76 -21.31
CA ASN A 247 -0.10 4.79 -20.15
C ASN A 247 -0.84 4.56 -18.81
N HIS A 248 -1.69 3.53 -18.77
CA HIS A 248 -2.44 3.16 -17.56
C HIS A 248 -3.00 1.76 -17.65
N SER A 249 -3.04 1.09 -16.50
CA SER A 249 -3.30 -0.35 -16.43
C SER A 249 -4.78 -0.69 -16.43
N ALA A 250 -5.08 -1.91 -16.89
CA ALA A 250 -6.36 -2.56 -16.64
C ALA A 250 -6.16 -3.31 -15.33
N TYR A 251 -7.12 -3.19 -14.42
CA TYR A 251 -6.94 -3.64 -13.04
C TYR A 251 -8.20 -4.35 -12.53
N ALA A 252 -7.99 -5.36 -11.68
CA ALA A 252 -9.10 -6.07 -11.03
C ALA A 252 -8.61 -6.92 -9.89
N TYR A 253 -9.44 -7.05 -8.86
CA TYR A 253 -9.12 -7.92 -7.74
C TYR A 253 -10.34 -8.58 -7.11
N ILE A 254 -10.09 -9.62 -6.34
CA ILE A 254 -11.12 -10.43 -5.70
C ILE A 254 -10.63 -10.70 -4.29
N ALA A 255 -11.50 -10.60 -3.30
CA ALA A 255 -11.12 -10.95 -1.94
C ALA A 255 -12.05 -12.05 -1.48
N TYR A 256 -11.53 -12.92 -0.63
CA TYR A 256 -12.27 -14.06 -0.11
C TYR A 256 -11.85 -14.28 1.35
N PRO A 257 -12.80 -14.66 2.22
CA PRO A 257 -14.23 -14.80 1.93
C PRO A 257 -14.88 -13.44 1.69
N LEU B 13 -18.72 -20.90 -18.21
CA LEU B 13 -17.37 -21.29 -17.70
C LEU B 13 -17.07 -20.69 -16.31
N ARG B 14 -17.72 -19.57 -15.97
CA ARG B 14 -17.34 -18.77 -14.80
C ARG B 14 -18.45 -18.58 -13.75
N ASN B 15 -18.02 -18.44 -12.50
CA ASN B 15 -18.90 -18.48 -11.31
C ASN B 15 -18.36 -17.67 -10.11
N LEU B 16 -17.63 -16.59 -10.40
CA LEU B 16 -16.91 -15.81 -9.38
C LEU B 16 -17.10 -14.30 -9.54
N PRO B 17 -17.68 -13.63 -8.52
CA PRO B 17 -17.73 -12.16 -8.58
C PRO B 17 -16.33 -11.53 -8.49
N ILE B 18 -16.17 -10.39 -9.16
CA ILE B 18 -15.00 -9.54 -9.01
C ILE B 18 -15.39 -8.27 -8.22
N ASN B 19 -14.69 -8.07 -7.11
CA ASN B 19 -15.04 -7.02 -6.16
C ASN B 19 -14.89 -5.68 -6.83
N GLN B 20 -13.72 -5.46 -7.41
CA GLN B 20 -13.52 -4.27 -8.23
C GLN B 20 -12.76 -4.62 -9.49
N VAL B 21 -13.19 -4.02 -10.59
CA VAL B 21 -12.44 -4.11 -11.84
C VAL B 21 -12.61 -2.82 -12.65
N GLY B 22 -11.50 -2.32 -13.20
CA GLY B 22 -11.51 -1.07 -13.94
C GLY B 22 -10.12 -0.65 -14.43
N ILE B 23 -9.86 0.64 -14.48
CA ILE B 23 -8.54 1.17 -14.83
C ILE B 23 -7.86 1.74 -13.59
N LYS B 24 -6.54 1.70 -13.58
CA LYS B 24 -5.71 2.10 -12.42
C LYS B 24 -4.58 3.03 -12.85
N ASP B 25 -4.37 4.08 -12.08
CA ASP B 25 -3.28 5.03 -12.29
C ASP B 25 -3.37 5.75 -13.65
N LEU B 26 -4.60 6.01 -14.08
CA LEU B 26 -4.78 6.96 -15.15
C LEU B 26 -4.31 8.28 -14.59
N ARG B 27 -3.32 8.87 -15.25
CA ARG B 27 -2.71 10.12 -14.81
C ARG B 27 -3.37 11.25 -15.58
N PHE B 28 -3.97 12.17 -14.83
CA PHE B 28 -4.94 13.13 -15.38
C PHE B 28 -4.81 14.44 -14.59
N PRO B 29 -4.74 15.60 -15.29
CA PRO B 29 -4.72 16.94 -14.69
C PRO B 29 -6.08 17.35 -14.18
N ILE B 30 -6.13 18.06 -13.07
CA ILE B 30 -7.39 18.44 -12.50
C ILE B 30 -7.33 19.77 -11.78
N THR B 31 -8.50 20.28 -11.55
CA THR B 31 -8.68 21.56 -10.94
C THR B 31 -9.49 21.21 -9.73
N LEU B 32 -9.09 21.72 -8.57
CA LEU B 32 -9.61 21.24 -7.31
C LEU B 32 -10.09 22.43 -6.51
N LYS B 33 -11.29 22.32 -5.93
CA LYS B 33 -11.83 23.38 -5.06
C LYS B 33 -11.86 22.94 -3.60
N THR B 34 -11.23 23.75 -2.75
CA THR B 34 -11.24 23.49 -1.32
C THR B 34 -11.64 24.79 -0.62
N ALA B 35 -11.94 24.68 0.68
CA ALA B 35 -12.37 25.85 1.47
C ALA B 35 -11.54 27.08 1.13
N GLU B 36 -10.23 26.93 1.08
CA GLU B 36 -9.32 28.06 1.05
C GLU B 36 -8.98 28.55 -0.34
N GLY B 37 -9.66 28.00 -1.36
CA GLY B 37 -9.42 28.39 -2.75
C GLY B 37 -9.54 27.23 -3.72
N THR B 38 -9.05 27.48 -4.91
CA THR B 38 -9.13 26.55 -6.00
C THR B 38 -7.73 26.46 -6.57
N GLN B 39 -7.30 25.25 -6.91
CA GLN B 39 -5.97 25.09 -7.47
C GLN B 39 -5.96 24.10 -8.57
N SER B 40 -4.91 24.23 -9.39
CA SER B 40 -4.64 23.29 -10.46
C SER B 40 -3.55 22.27 -10.10
N THR B 41 -3.89 20.98 -10.18
CA THR B 41 -2.97 19.91 -9.85
C THR B 41 -3.00 18.81 -10.91
N VAL B 42 -2.27 17.72 -10.64
CA VAL B 42 -2.25 16.55 -11.50
C VAL B 42 -2.54 15.36 -10.62
N ALA B 43 -3.29 14.41 -11.18
CA ALA B 43 -3.90 13.39 -10.36
C ALA B 43 -3.58 12.05 -10.96
N ARG B 44 -3.57 11.01 -10.12
CA ARG B 44 -3.70 9.60 -10.55
C ARG B 44 -5.12 9.15 -10.23
N LEU B 45 -5.80 8.53 -11.19
CA LEU B 45 -7.15 8.03 -10.97
C LEU B 45 -7.24 6.54 -11.12
N THR B 46 -7.92 5.92 -10.17
CA THR B 46 -8.30 4.55 -10.26
C THR B 46 -9.81 4.51 -10.10
N MET B 47 -10.44 3.77 -10.99
CA MET B 47 -11.88 3.74 -11.13
C MET B 47 -12.22 2.30 -11.49
N THR B 48 -13.18 1.73 -10.77
CA THR B 48 -13.47 0.33 -10.87
C THR B 48 -14.91 0.06 -10.45
N VAL B 49 -15.45 -1.06 -10.92
CA VAL B 49 -16.85 -1.44 -10.62
C VAL B 49 -16.93 -2.88 -10.15
N TYR B 50 -18.04 -3.20 -9.49
CA TYR B 50 -18.39 -4.58 -9.18
C TYR B 50 -18.71 -5.34 -10.47
N LEU B 51 -18.19 -6.56 -10.60
CA LEU B 51 -18.49 -7.37 -11.78
C LEU B 51 -19.17 -8.69 -11.37
N PRO B 52 -20.47 -8.83 -11.67
CA PRO B 52 -21.19 -10.09 -11.39
C PRO B 52 -20.62 -11.34 -12.07
N ALA B 53 -20.76 -12.49 -11.41
CA ALA B 53 -20.15 -13.79 -11.80
C ALA B 53 -20.18 -14.18 -13.29
N GLU B 54 -21.38 -14.28 -13.87
N GLU B 54 -21.39 -14.25 -13.85
CA GLU B 54 -21.50 -14.74 -15.25
CA GLU B 54 -21.58 -14.69 -15.23
C GLU B 54 -21.19 -13.65 -16.29
C GLU B 54 -21.11 -13.66 -16.26
N GLN B 55 -21.03 -12.40 -15.84
CA GLN B 55 -20.58 -11.31 -16.71
C GLN B 55 -19.08 -11.41 -16.85
N LYS B 56 -18.61 -11.39 -18.09
CA LYS B 56 -17.26 -11.81 -18.42
C LYS B 56 -16.30 -10.65 -18.22
N GLY B 57 -16.70 -9.47 -18.67
CA GLY B 57 -15.82 -8.33 -18.58
C GLY B 57 -16.49 -6.97 -18.62
N THR B 58 -15.98 -6.07 -17.79
CA THR B 58 -16.42 -4.68 -17.76
C THR B 58 -16.05 -3.96 -19.08
N HIS B 59 -16.34 -2.65 -19.15
CA HIS B 59 -16.16 -1.85 -20.36
C HIS B 59 -15.15 -0.74 -20.19
N MET B 60 -13.87 -1.12 -20.29
CA MET B 60 -12.72 -0.23 -20.01
C MET B 60 -12.79 1.16 -20.68
N SER B 61 -13.25 1.24 -21.92
CA SER B 61 -13.30 2.53 -22.62
C SER B 61 -14.15 3.55 -21.86
N ARG B 62 -15.22 3.09 -21.21
CA ARG B 62 -16.23 3.98 -20.62
C ARG B 62 -15.70 4.79 -19.43
N PHE B 63 -14.70 4.24 -18.73
CA PHE B 63 -14.11 4.98 -17.63
C PHE B 63 -13.48 6.25 -18.18
N VAL B 64 -12.51 6.08 -19.07
CA VAL B 64 -11.79 7.20 -19.69
C VAL B 64 -12.77 8.21 -20.28
N ALA B 65 -13.73 7.72 -21.09
CA ALA B 65 -14.83 8.56 -21.66
C ALA B 65 -15.35 9.55 -20.63
N LEU B 66 -15.89 8.99 -19.54
CA LEU B 66 -16.46 9.74 -18.43
C LEU B 66 -15.59 10.91 -18.00
N MET B 67 -14.28 10.71 -17.97
CA MET B 67 -13.34 11.72 -17.46
C MET B 67 -12.93 12.78 -18.48
N GLU B 68 -12.87 12.38 -19.76
CA GLU B 68 -12.59 13.34 -20.83
C GLU B 68 -13.75 14.34 -20.94
N GLN B 69 -14.97 13.85 -20.69
CA GLN B 69 -16.17 14.67 -20.83
C GLN B 69 -16.31 15.70 -19.71
N HIS B 70 -16.22 15.26 -18.47
CA HIS B 70 -16.42 16.15 -17.31
C HIS B 70 -15.25 17.08 -17.05
N THR B 71 -15.42 18.37 -17.35
CA THR B 71 -14.36 19.36 -17.13
C THR B 71 -14.58 20.18 -15.84
N GLU B 72 -15.41 19.65 -14.95
CA GLU B 72 -15.85 20.36 -13.74
C GLU B 72 -14.78 20.37 -12.63
N VAL B 73 -14.67 21.49 -11.95
CA VAL B 73 -13.78 21.64 -10.83
C VAL B 73 -14.09 20.50 -9.88
N LEU B 74 -13.06 19.84 -9.34
CA LEU B 74 -13.29 18.72 -8.44
C LEU B 74 -13.57 19.26 -7.06
N ASP B 75 -14.52 18.64 -6.36
CA ASP B 75 -14.90 19.02 -5.00
C ASP B 75 -15.73 17.91 -4.34
N PHE B 76 -15.86 17.93 -3.03
CA PHE B 76 -16.57 16.85 -2.32
C PHE B 76 -17.80 16.38 -3.07
N ALA B 77 -18.64 17.32 -3.44
CA ALA B 77 -19.87 17.00 -4.14
C ALA B 77 -19.57 16.36 -5.49
N GLN B 78 -18.64 16.93 -6.25
CA GLN B 78 -18.29 16.45 -7.62
C GLN B 78 -17.81 14.99 -7.64
N LEU B 79 -17.21 14.54 -6.54
CA LEU B 79 -16.68 13.20 -6.46
C LEU B 79 -17.86 12.27 -6.33
N HIS B 80 -18.81 12.64 -5.48
CA HIS B 80 -20.07 11.91 -5.32
C HIS B 80 -20.73 11.80 -6.66
N ARG B 81 -21.00 12.95 -7.28
N ARG B 81 -20.99 12.93 -7.32
CA ARG B 81 -21.60 13.07 -8.61
CA ARG B 81 -21.67 12.93 -8.60
C ARG B 81 -20.95 12.12 -9.61
C ARG B 81 -20.95 12.10 -9.66
N LEU B 82 -19.62 12.17 -9.67
CA LEU B 82 -18.81 11.35 -10.59
C LEU B 82 -18.86 9.85 -10.35
N THR B 83 -19.00 9.44 -9.08
CA THR B 83 -18.97 8.03 -8.74
C THR B 83 -20.33 7.42 -8.94
N ALA B 84 -21.38 8.20 -8.71
CA ALA B 84 -22.74 7.73 -9.03
C ALA B 84 -22.93 7.68 -10.56
N GLU B 85 -22.49 8.71 -11.27
CA GLU B 85 -22.50 8.67 -12.73
C GLU B 85 -21.69 7.49 -13.31
N MET B 86 -20.67 7.00 -12.59
CA MET B 86 -19.84 5.91 -13.07
C MET B 86 -20.52 4.56 -12.97
N VAL B 87 -21.16 4.27 -11.85
CA VAL B 87 -21.87 3.00 -11.72
C VAL B 87 -23.06 2.99 -12.66
N ALA B 88 -23.74 4.13 -12.78
CA ALA B 88 -24.79 4.29 -13.76
C ALA B 88 -24.29 3.80 -15.12
N LEU B 89 -23.40 4.56 -15.75
CA LEU B 89 -22.90 4.22 -17.10
C LEU B 89 -22.47 2.73 -17.25
N LEU B 90 -21.45 2.28 -16.53
CA LEU B 90 -21.03 0.87 -16.59
C LEU B 90 -22.03 -0.15 -16.02
N ASP B 91 -23.21 0.31 -15.60
CA ASP B 91 -24.35 -0.58 -15.31
C ASP B 91 -24.00 -1.60 -14.23
N SER B 92 -23.78 -1.10 -13.01
CA SER B 92 -23.28 -1.92 -11.92
C SER B 92 -23.89 -1.46 -10.60
N ARG B 93 -24.02 -2.35 -9.63
N ARG B 93 -24.01 -2.38 -9.64
CA ARG B 93 -24.53 -1.97 -8.32
CA ARG B 93 -24.50 -2.07 -8.30
C ARG B 93 -23.55 -1.16 -7.45
C ARG B 93 -23.55 -1.16 -7.49
N ALA B 94 -22.28 -1.56 -7.45
CA ALA B 94 -21.23 -0.90 -6.62
C ALA B 94 -20.06 -0.39 -7.49
N GLY B 95 -19.28 0.53 -6.92
CA GLY B 95 -18.04 1.00 -7.57
C GLY B 95 -17.24 1.98 -6.73
N LYS B 96 -15.98 2.21 -7.12
CA LYS B 96 -15.04 3.09 -6.41
C LYS B 96 -14.32 4.03 -7.37
N ILE B 97 -14.27 5.32 -7.04
CA ILE B 97 -13.28 6.22 -7.66
C ILE B 97 -12.25 6.63 -6.59
N SER B 98 -10.97 6.64 -6.96
CA SER B 98 -9.96 7.27 -6.13
C SER B 98 -9.10 8.19 -6.94
N VAL B 99 -8.93 9.41 -6.42
CA VAL B 99 -8.10 10.43 -7.02
C VAL B 99 -6.91 10.79 -6.13
N SER B 100 -5.67 10.64 -6.62
CA SER B 100 -4.48 11.00 -5.80
C SER B 100 -3.77 12.19 -6.39
N PHE B 101 -3.23 13.05 -5.54
CA PHE B 101 -2.58 14.24 -6.06
C PHE B 101 -1.76 15.02 -5.04
N PRO B 102 -0.73 15.75 -5.49
CA PRO B 102 -0.11 16.70 -4.61
C PRO B 102 -1.07 17.87 -4.37
N PHE B 103 -1.09 18.38 -3.14
CA PHE B 103 -1.99 19.45 -2.74
C PHE B 103 -1.14 20.54 -2.17
N PHE B 104 -1.41 21.79 -2.57
CA PHE B 104 -0.62 22.91 -2.08
C PHE B 104 -1.45 23.77 -1.18
N ARG B 105 -0.77 24.41 -0.25
CA ARG B 105 -1.38 25.35 0.65
C ARG B 105 -0.32 26.40 0.92
N LYS B 106 -0.81 27.65 1.07
CA LYS B 106 0.04 28.79 1.33
C LYS B 106 0.24 28.95 2.83
N LYS B 107 1.51 28.94 3.25
CA LYS B 107 1.88 29.12 4.67
C LYS B 107 2.57 30.45 4.94
N THR B 108 2.63 30.81 6.22
CA THR B 108 3.12 32.09 6.70
C THR B 108 4.21 31.79 7.70
N ALA B 109 5.45 32.20 7.37
CA ALA B 109 6.57 31.97 8.26
C ALA B 109 6.22 32.54 9.63
N PRO B 110 6.70 31.89 10.71
CA PRO B 110 6.15 32.12 12.03
C PRO B 110 6.54 33.46 12.64
N VAL B 111 7.68 34.03 12.23
CA VAL B 111 8.18 35.30 12.77
C VAL B 111 8.05 36.42 11.73
N SER B 112 8.76 36.26 10.62
CA SER B 112 8.83 37.25 9.55
C SER B 112 7.56 37.34 8.78
N GLY B 113 6.73 36.28 8.88
CA GLY B 113 5.51 36.11 8.09
C GLY B 113 5.65 35.95 6.57
N ILE B 114 6.83 35.63 6.04
CA ILE B 114 6.98 35.48 4.59
C ILE B 114 6.18 34.26 4.12
N ARG B 115 5.49 34.44 2.98
CA ARG B 115 4.58 33.44 2.46
C ARG B 115 5.30 32.45 1.57
N SER B 116 4.97 31.16 1.74
CA SER B 116 5.45 30.12 0.83
C SER B 116 4.48 28.94 0.80
N LEU B 117 4.43 28.27 -0.34
CA LEU B 117 3.62 27.08 -0.50
C LEU B 117 4.33 25.92 0.19
N LEU B 118 3.59 25.03 0.85
CA LEU B 118 4.11 23.72 1.22
C LEU B 118 3.22 22.75 0.47
N ASP B 119 3.81 21.59 0.14
CA ASP B 119 3.18 20.50 -0.61
C ASP B 119 2.81 19.29 0.24
N TYR B 120 1.68 18.68 -0.11
CA TYR B 120 1.08 17.55 0.61
C TYR B 120 0.61 16.52 -0.38
N ASP B 121 0.40 15.29 0.05
CA ASP B 121 -0.13 14.27 -0.83
C ASP B 121 -1.46 13.86 -0.31
N VAL B 122 -2.47 13.89 -1.17
CA VAL B 122 -3.81 13.60 -0.82
C VAL B 122 -4.32 12.49 -1.70
N SER B 123 -5.22 11.70 -1.17
CA SER B 123 -5.94 10.73 -1.93
C SER B 123 -7.37 10.79 -1.42
N LEU B 124 -8.32 10.99 -2.34
CA LEU B 124 -9.76 11.09 -2.00
C LEU B 124 -10.45 9.91 -2.66
N THR B 125 -11.28 9.19 -1.91
CA THR B 125 -11.97 8.05 -2.48
C THR B 125 -13.48 8.21 -2.35
N GLY B 126 -14.22 8.03 -3.45
CA GLY B 126 -15.68 7.84 -3.38
C GLY B 126 -16.07 6.38 -3.64
N GLU B 127 -17.03 5.87 -2.89
CA GLU B 127 -17.55 4.52 -3.12
C GLU B 127 -19.08 4.49 -3.14
N MET B 128 -19.66 3.76 -4.09
CA MET B 128 -21.13 3.47 -4.15
C MET B 128 -21.36 1.98 -3.91
N LYS B 129 -22.26 1.65 -2.98
CA LYS B 129 -22.66 0.27 -2.68
C LYS B 129 -24.19 0.13 -2.67
N ASP B 130 -24.78 -0.11 -3.84
CA ASP B 130 -26.24 -0.27 -3.95
C ASP B 130 -26.95 1.05 -3.61
N GLY B 131 -26.57 2.12 -4.30
CA GLY B 131 -27.20 3.42 -4.09
C GLY B 131 -26.62 4.24 -2.95
N ALA B 132 -26.09 3.57 -1.91
CA ALA B 132 -25.42 4.25 -0.78
C ALA B 132 -24.05 4.79 -1.19
N TYR B 133 -23.70 6.00 -0.71
CA TYR B 133 -22.38 6.59 -0.95
C TYR B 133 -21.49 6.67 0.29
N GLY B 134 -20.22 6.34 0.11
CA GLY B 134 -19.21 6.57 1.12
C GLY B 134 -18.05 7.35 0.50
N HIS B 135 -17.38 8.13 1.32
CA HIS B 135 -16.15 8.78 0.91
C HIS B 135 -15.19 8.69 2.04
N SER B 136 -13.95 8.40 1.70
CA SER B 136 -12.87 8.41 2.66
C SER B 136 -11.80 9.25 2.07
N MET B 137 -10.83 9.64 2.88
CA MET B 137 -9.70 10.44 2.39
C MET B 137 -8.46 10.05 3.14
N LYS B 138 -7.33 10.12 2.45
CA LYS B 138 -5.99 9.87 2.98
C LYS B 138 -5.22 11.18 2.78
N VAL B 139 -4.36 11.57 3.72
CA VAL B 139 -3.54 12.79 3.57
C VAL B 139 -2.16 12.58 4.20
N MET B 140 -1.10 13.05 3.56
N MET B 140 -1.11 13.08 3.56
CA MET B 140 0.26 12.94 4.14
CA MET B 140 0.29 12.92 4.07
C MET B 140 0.92 14.29 4.40
C MET B 140 0.97 14.27 4.39
N ILE B 141 1.21 14.55 5.67
CA ILE B 141 1.79 15.83 6.11
C ILE B 141 3.26 15.69 6.57
N PRO B 142 4.20 16.26 5.81
CA PRO B 142 5.56 16.21 6.30
C PRO B 142 5.70 17.23 7.42
N VAL B 143 6.36 16.81 8.50
CA VAL B 143 6.59 17.66 9.64
C VAL B 143 7.98 17.34 10.19
N THR B 144 8.39 18.07 11.23
CA THR B 144 9.66 17.80 11.91
C THR B 144 9.44 17.07 13.23
N SER B 145 10.27 16.07 13.48
CA SER B 145 10.32 15.42 14.77
C SER B 145 11.72 15.52 15.32
N LEU B 146 11.76 15.66 16.64
CA LEU B 146 12.98 15.84 17.42
C LEU B 146 12.93 14.87 18.61
N CYS B 147 14.02 14.16 18.88
CA CYS B 147 13.97 13.09 19.88
C CYS B 147 14.13 13.63 21.30
N PRO B 148 13.19 13.29 22.21
CA PRO B 148 13.27 13.68 23.60
C PRO B 148 14.34 12.87 24.35
N SER B 150 17.29 11.85 23.00
CA SER B 150 18.52 12.53 22.60
C SER B 150 18.68 13.88 23.31
N LYS B 151 17.60 14.66 23.40
CA LYS B 151 17.62 15.94 24.12
C LYS B 151 18.05 15.78 25.57
N GLU B 152 17.33 14.92 26.30
CA GLU B 152 17.60 14.65 27.70
C GLU B 152 19.07 14.26 27.92
N ILE B 153 19.48 13.12 27.35
CA ILE B 153 20.77 12.49 27.69
C ILE B 153 22.01 13.31 27.29
N SER B 154 21.84 14.31 26.42
CA SER B 154 22.96 15.02 25.79
C SER B 154 23.21 16.40 26.39
N GLN B 155 24.48 16.77 26.52
CA GLN B 155 24.81 18.06 27.18
C GLN B 155 24.44 19.26 26.30
N TYR B 156 24.07 18.97 25.05
CA TYR B 156 23.53 19.92 24.09
C TYR B 156 23.04 19.13 22.89
N GLY B 157 22.37 19.80 21.96
CA GLY B 157 21.91 19.18 20.71
C GLY B 157 20.72 18.26 20.90
N ALA B 158 19.98 18.02 19.81
CA ALA B 158 18.98 16.94 19.77
C ALA B 158 18.85 16.48 18.31
N HIS B 159 18.96 15.18 18.07
CA HIS B 159 18.76 14.72 16.72
C HIS B 159 17.30 14.92 16.36
N ASN B 160 17.08 15.40 15.15
CA ASN B 160 15.75 15.62 14.62
C ASN B 160 15.78 15.18 13.19
N GLN B 161 14.60 15.08 12.59
CA GLN B 161 14.54 14.58 11.24
C GLN B 161 13.19 14.97 10.64
N ARG B 162 13.10 14.90 9.33
CA ARG B 162 11.81 15.07 8.69
C ARG B 162 11.07 13.78 8.94
N SER B 163 9.74 13.90 9.06
CA SER B 163 8.88 12.76 9.25
C SER B 163 7.53 12.92 8.50
N HIS B 164 7.01 11.81 7.98
CA HIS B 164 5.71 11.79 7.30
C HIS B 164 4.62 11.30 8.21
N VAL B 165 3.66 12.15 8.57
CA VAL B 165 2.44 11.70 9.26
C VAL B 165 1.37 11.49 8.20
N THR B 166 0.72 10.32 8.20
CA THR B 166 -0.25 9.94 7.19
C THR B 166 -1.56 9.58 7.86
N VAL B 167 -2.58 10.43 7.66
CA VAL B 167 -3.91 10.23 8.24
C VAL B 167 -4.87 9.77 7.19
N SER B 168 -5.58 8.69 7.50
CA SER B 168 -6.63 8.14 6.64
C SER B 168 -7.88 8.08 7.48
N LEU B 169 -8.99 8.62 7.00
CA LEU B 169 -10.25 8.58 7.74
C LEU B 169 -11.46 8.53 6.84
N THR B 170 -12.57 8.16 7.47
CA THR B 170 -13.85 7.99 6.82
C THR B 170 -14.86 8.83 7.58
N SER B 171 -15.83 9.36 6.86
CA SER B 171 -16.80 10.24 7.48
C SER B 171 -18.06 10.35 6.62
N ASP B 172 -19.17 10.69 7.26
CA ASP B 172 -20.38 10.97 6.49
C ASP B 172 -20.32 12.43 6.09
N ALA B 173 -19.99 13.29 7.06
CA ALA B 173 -19.74 14.71 6.78
C ALA B 173 -18.36 14.91 6.12
N GLU B 174 -18.28 15.95 5.31
CA GLU B 174 -17.05 16.34 4.64
C GLU B 174 -16.05 16.85 5.66
N VAL B 175 -14.82 16.35 5.61
CA VAL B 175 -13.73 16.98 6.36
C VAL B 175 -12.75 17.65 5.39
N GLY B 176 -12.49 18.93 5.58
CA GLY B 176 -11.57 19.63 4.69
C GLY B 176 -10.15 19.07 4.76
N ILE B 177 -9.49 18.94 3.63
CA ILE B 177 -8.10 18.54 3.64
C ILE B 177 -7.30 19.43 4.61
N GLU B 178 -7.45 20.74 4.47
CA GLU B 178 -6.68 21.66 5.32
C GLU B 178 -6.99 21.40 6.79
N GLU B 179 -8.21 20.96 7.09
CA GLU B 179 -8.55 20.63 8.47
C GLU B 179 -7.67 19.51 8.99
N VAL B 180 -7.54 18.43 8.21
CA VAL B 180 -6.63 17.35 8.60
C VAL B 180 -5.18 17.82 8.64
N ILE B 181 -4.77 18.68 7.72
CA ILE B 181 -3.44 19.22 7.83
C ILE B 181 -3.24 19.93 9.19
N ASP B 182 -4.18 20.81 9.59
CA ASP B 182 -3.97 21.61 10.83
C ASP B 182 -3.91 20.67 12.04
N TYR B 183 -4.71 19.61 12.04
CA TYR B 183 -4.67 18.70 13.19
C TYR B 183 -3.22 18.19 13.38
N VAL B 184 -2.52 17.90 12.28
CA VAL B 184 -1.19 17.33 12.39
C VAL B 184 -0.19 18.44 12.66
N GLU B 185 -0.18 19.46 11.82
CA GLU B 185 0.84 20.49 11.90
C GLU B 185 0.94 21.06 13.31
N THR B 186 -0.21 21.24 13.95
CA THR B 186 -0.27 21.73 15.31
C THR B 186 0.56 20.88 16.32
N GLN B 187 0.44 19.56 16.20
CA GLN B 187 1.02 18.60 17.15
C GLN B 187 2.51 18.30 16.91
N ALA B 188 2.97 18.53 15.69
CA ALA B 188 4.34 18.31 15.29
C ALA B 188 5.29 19.08 16.19
N SER B 189 6.45 18.47 16.50
CA SER B 189 7.50 19.13 17.31
C SER B 189 7.72 20.50 16.73
N CYS B 190 7.86 20.53 15.41
CA CYS B 190 7.62 21.74 14.64
C CYS B 190 7.29 21.36 13.20
N GLN B 191 6.74 22.33 12.47
CA GLN B 191 6.30 22.14 11.10
C GLN B 191 7.26 22.75 10.08
N LEU B 192 7.02 22.42 8.81
CA LEU B 192 7.89 22.81 7.72
C LEU B 192 7.37 24.06 7.00
N TYR B 193 8.30 24.79 6.38
CA TYR B 193 7.98 25.91 5.52
C TYR B 193 9.00 25.90 4.40
N GLY B 194 8.60 26.31 3.20
CA GLY B 194 9.56 26.46 2.11
C GLY B 194 10.52 27.63 2.37
N LEU B 195 9.97 28.81 2.72
CA LEU B 195 10.80 30.00 3.01
C LEU B 195 10.94 30.25 4.51
N LEU B 196 12.19 30.39 4.96
CA LEU B 196 12.51 30.82 6.32
C LEU B 196 13.72 31.77 6.22
N LYS B 197 13.62 32.90 6.92
CA LYS B 197 14.76 33.78 7.13
C LYS B 197 15.36 33.47 8.52
N ARG B 198 16.58 33.94 8.77
CA ARG B 198 17.29 33.67 10.04
C ARG B 198 16.34 33.65 11.27
N PRO B 199 15.59 34.74 11.49
CA PRO B 199 14.74 34.71 12.68
C PRO B 199 13.74 33.55 12.64
N ASP B 200 13.34 33.15 11.42
CA ASP B 200 12.34 32.12 11.25
C ASP B 200 12.96 30.78 11.58
N GLU B 201 14.10 30.51 10.96
CA GLU B 201 14.86 29.32 11.21
C GLU B 201 15.28 29.23 12.68
N LYS B 202 15.51 30.39 13.32
CA LYS B 202 15.85 30.42 14.74
C LYS B 202 14.62 29.94 15.51
N TYR B 203 13.49 30.49 15.14
CA TYR B 203 12.22 30.14 15.77
C TYR B 203 11.95 28.64 15.70
N VAL B 204 12.00 28.08 14.49
CA VAL B 204 11.58 26.67 14.27
C VAL B 204 12.51 25.69 14.99
N THR B 205 13.84 25.91 14.86
CA THR B 205 14.87 25.13 15.56
C THR B 205 14.60 25.04 17.05
N GLU B 206 14.35 26.20 17.65
CA GLU B 206 14.11 26.30 19.10
C GLU B 206 12.75 25.67 19.47
N LYS B 207 11.76 25.86 18.61
CA LYS B 207 10.44 25.31 18.81
C LYS B 207 10.48 23.78 18.94
N ALA B 208 11.26 23.15 18.06
CA ALA B 208 11.43 21.69 18.03
C ALA B 208 12.17 21.21 19.26
N TYR B 209 13.18 21.96 19.67
CA TYR B 209 13.99 21.55 20.81
C TYR B 209 13.19 21.67 22.11
N GLU B 210 12.16 22.50 22.10
CA GLU B 210 11.26 22.68 23.23
C GLU B 210 10.18 21.62 23.32
N ASN B 211 9.70 21.19 22.15
CA ASN B 211 8.56 20.28 22.05
CA ASN B 211 8.56 20.28 22.04
C ASN B 211 8.98 18.96 21.37
N PRO B 212 9.94 18.22 21.97
CA PRO B 212 10.39 16.94 21.40
C PRO B 212 9.31 15.86 21.41
N LYS B 213 9.30 14.97 20.43
CA LYS B 213 8.24 13.95 20.41
C LYS B 213 8.68 12.65 19.79
N PHE B 214 8.48 11.58 20.54
CA PHE B 214 8.62 10.27 19.98
C PHE B 214 7.57 10.04 18.92
N VAL B 215 7.83 9.11 18.04
CA VAL B 215 6.83 8.71 17.07
C VAL B 215 5.50 8.33 17.79
N GLU B 216 5.63 7.71 18.96
CA GLU B 216 4.51 7.33 19.83
C GLU B 216 3.68 8.56 20.23
N ASP B 217 4.40 9.57 20.70
CA ASP B 217 3.83 10.83 21.08
C ASP B 217 3.05 11.48 19.93
N MET B 218 3.62 11.53 18.73
N MET B 218 3.64 11.51 18.75
CA MET B 218 2.93 12.22 17.64
CA MET B 218 3.01 12.15 17.61
C MET B 218 1.61 11.54 17.32
C MET B 218 1.65 11.54 17.32
N VAL B 219 1.65 10.26 16.97
CA VAL B 219 0.45 9.53 16.58
C VAL B 219 -0.55 9.57 17.68
N ARG B 220 -0.09 9.52 18.92
CA ARG B 220 -1.01 9.60 20.06
C ARG B 220 -1.65 10.97 20.04
N ASP B 221 -0.81 12.01 20.06
CA ASP B 221 -1.33 13.38 20.12
C ASP B 221 -2.26 13.70 18.95
N VAL B 222 -1.99 13.15 17.78
CA VAL B 222 -2.82 13.44 16.62
C VAL B 222 -4.10 12.62 16.74
N ALA B 223 -3.98 11.36 17.19
CA ALA B 223 -5.17 10.49 17.32
C ALA B 223 -6.22 11.15 18.19
N THR B 224 -5.80 11.74 19.30
CA THR B 224 -6.74 12.35 20.21
C THR B 224 -7.58 13.42 19.53
N SER B 225 -6.93 14.34 18.84
CA SER B 225 -7.63 15.37 18.09
C SER B 225 -8.67 14.78 17.16
N LEU B 226 -8.32 13.69 16.50
CA LEU B 226 -9.22 13.05 15.57
C LEU B 226 -10.43 12.49 16.28
N ILE B 227 -10.19 11.82 17.41
CA ILE B 227 -11.27 11.26 18.24
C ILE B 227 -12.26 12.32 18.65
N ALA B 228 -11.75 13.51 18.94
CA ALA B 228 -12.59 14.66 19.25
C ALA B 228 -13.32 15.24 18.05
N ASP B 229 -13.49 14.49 16.97
CA ASP B 229 -14.18 15.03 15.80
C ASP B 229 -15.27 14.05 15.39
N LYS B 230 -16.44 14.23 16.00
CA LYS B 230 -17.67 13.44 15.72
C LYS B 230 -17.92 13.07 14.26
N ARG B 231 -17.57 13.96 13.31
CA ARG B 231 -17.71 13.67 11.88
C ARG B 231 -16.95 12.42 11.43
N ILE B 232 -15.78 12.18 12.04
CA ILE B 232 -14.91 11.07 11.65
C ILE B 232 -15.39 9.78 12.28
N LYS B 233 -15.82 8.82 11.46
CA LYS B 233 -16.28 7.54 11.97
C LYS B 233 -15.10 6.64 12.33
N SER B 234 -14.06 6.65 11.50
CA SER B 234 -12.87 5.80 11.70
C SER B 234 -11.61 6.44 11.15
N PHE B 235 -10.46 6.03 11.68
CA PHE B 235 -9.20 6.57 11.17
C PHE B 235 -8.03 5.67 11.41
N VAL B 236 -6.99 5.86 10.62
CA VAL B 236 -5.68 5.34 10.96
C VAL B 236 -4.75 6.55 11.00
N VAL B 237 -3.87 6.63 12.00
CA VAL B 237 -2.82 7.63 12.00
C VAL B 237 -1.46 6.94 11.99
N GLU B 238 -0.65 7.20 10.96
CA GLU B 238 0.71 6.68 10.92
C GLU B 238 1.69 7.81 11.06
N SER B 239 2.86 7.53 11.62
CA SER B 239 3.93 8.49 11.63
C SER B 239 5.23 7.75 11.37
N GLU B 240 5.94 8.13 10.31
CA GLU B 240 7.22 7.57 10.01
C GLU B 240 8.34 8.63 10.23
N ASN B 241 9.29 8.36 11.11
CA ASN B 241 10.36 9.32 11.31
C ASN B 241 11.67 8.83 10.69
N PHE B 242 12.18 9.56 9.71
CA PHE B 242 13.38 9.09 9.01
C PHE B 242 14.58 9.48 9.87
N GLU B 243 14.70 8.78 11.00
CA GLU B 243 15.77 8.99 11.97
C GLU B 243 17.06 9.43 11.31
N SER B 244 17.59 10.55 11.80
CA SER B 244 18.79 11.13 11.23
C SER B 244 20.02 10.44 11.77
N ILE B 245 19.87 9.67 12.86
CA ILE B 245 20.95 8.84 13.43
C ILE B 245 20.96 7.35 12.99
N HIS B 246 19.89 6.92 12.29
CA HIS B 246 19.84 5.59 11.70
C HIS B 246 19.65 5.67 10.21
N ASN B 247 19.80 4.54 9.52
CA ASN B 247 19.38 4.46 8.12
C ASN B 247 18.01 3.74 7.90
N HIS B 248 17.26 3.51 8.99
CA HIS B 248 15.86 3.07 8.91
C HIS B 248 15.02 4.04 9.67
N SER B 249 13.70 3.84 9.62
CA SER B 249 12.71 4.75 10.24
C SER B 249 12.11 4.17 11.51
N ALA B 250 11.72 5.05 12.43
CA ALA B 250 10.81 4.68 13.49
C ALA B 250 9.35 4.84 12.96
N TYR B 251 8.46 4.01 13.41
CA TYR B 251 7.17 3.93 12.78
C TYR B 251 6.16 3.48 13.81
N ALA B 252 5.00 4.13 13.82
CA ALA B 252 3.90 3.76 14.70
C ALA B 252 2.56 4.08 14.06
N TYR B 253 1.52 3.28 14.34
CA TYR B 253 0.14 3.66 13.99
C TYR B 253 -0.96 3.35 15.02
N ILE B 254 -2.01 4.18 15.02
CA ILE B 254 -3.22 3.93 15.79
C ILE B 254 -4.38 3.79 14.82
N ALA B 255 -5.26 2.83 15.12
CA ALA B 255 -6.44 2.55 14.32
C ALA B 255 -7.63 2.77 15.23
N TYR B 256 -8.63 3.48 14.75
CA TYR B 256 -9.83 3.72 15.54
C TYR B 256 -11.04 3.34 14.71
N PRO B 257 -11.87 2.42 15.23
CA PRO B 257 -11.64 1.60 16.44
C PRO B 257 -10.76 0.36 16.19
#